data_1MFD
#
_entry.id   1MFD
#
_cell.length_a   47.300
_cell.length_b   129.300
_cell.length_c   79.900
_cell.angle_alpha   90.00
_cell.angle_beta   90.00
_cell.angle_gamma   90.00
#
_symmetry.space_group_name_H-M   'P 21 21 21'
#
loop_
_entity.id
_entity.type
_entity.pdbx_description
1 polymer 'IGG1-LAMBDA SE155-4 FAB (LIGHT CHAIN)'
2 polymer 'IGG1-LAMBDA SE155-4 FAB (HEAVY CHAIN)'
3 branched 'alpha-D-galactopyranose-(1-2)-[alpha-D-Abequopyranose-(1-3)]methyl alpha-D-mannopyranoside'
4 water water
#
loop_
_entity_poly.entity_id
_entity_poly.type
_entity_poly.pdbx_seq_one_letter_code
_entity_poly.pdbx_strand_id
1 'polypeptide(L)'
;QAVVTQESALTTSPGETVTLTCRSSTGTVTSGNHANWVQEKPDHLFTGLIGDTNNRAPGVPARFSGSLIGDKAALTITGA
QPEDEAIYFCALWCNNHWIFGGGTKLTVLGQPKSSPSVTLFPPSSEELETNKATLVCTITDFYPGVVTVDWKVDGTPVTQ
GMETTQPSKQSNNKYMASSYLTLTARAWERHSSYSCQVTHEGHTVEKSLSRADCS
;
L
2 'polypeptide(L)'
;EVQVQQSGTVLARPGASVKMSCKASGYTFTNYWMHWIKQRPGQGLEWIGAIYPGNSATFYNHKFRAKTKLTAVTSTITAY
MELSSLTNEDSAVYYCTRGGHGYYGDYWGQGASLTVSSAKTTPPSVYPLAPGSAAQTDSMVTLGCLVKGYFPEPVTVTWN
SGSLSSGVHTFPAVLQSDLYTLSSSVTVPSSTWPSETVTCNVAHPASSTKVDKKIVPRC
;
H
#
# COMPACT_ATOMS: atom_id res chain seq x y z
N GLN A 1 -10.35 15.51 -16.72
CA GLN A 1 -10.69 16.85 -16.33
C GLN A 1 -9.34 17.42 -15.90
N ALA A 2 -9.30 18.27 -14.86
CA ALA A 2 -8.04 18.77 -14.33
C ALA A 2 -7.18 17.62 -13.80
N VAL A 3 -5.90 17.97 -13.81
CA VAL A 3 -4.84 17.15 -13.30
C VAL A 3 -4.30 18.02 -12.17
N VAL A 4 -4.26 17.44 -10.98
CA VAL A 4 -3.86 18.12 -9.79
C VAL A 4 -2.49 17.53 -9.51
N THR A 5 -1.53 18.39 -9.31
CA THR A 5 -0.15 18.04 -9.11
C THR A 5 0.36 18.50 -7.74
N GLN A 6 1.00 17.52 -7.10
CA GLN A 6 1.63 17.64 -5.81
C GLN A 6 3.07 17.21 -5.97
N GLU A 7 3.97 17.69 -5.11
CA GLU A 7 5.38 17.25 -5.10
C GLU A 7 5.35 15.80 -4.74
N SER A 8 6.26 14.94 -5.17
CA SER A 8 6.12 13.55 -4.79
C SER A 8 6.69 13.21 -3.43
N ALA A 9 7.76 13.88 -3.04
CA ALA A 9 8.37 13.60 -1.73
C ALA A 9 9.12 14.85 -1.27
N LEU A 10 9.02 15.08 0.04
CA LEU A 10 9.67 16.16 0.77
C LEU A 10 10.23 15.56 2.07
N THR A 11 11.38 16.05 2.56
CA THR A 11 12.02 15.62 3.80
C THR A 11 12.24 16.87 4.67
N THR A 12 12.02 16.79 5.97
CA THR A 12 12.30 17.87 6.88
C THR A 12 12.80 17.24 8.20
N SER A 13 13.09 18.06 9.21
CA SER A 13 13.56 17.63 10.52
C SER A 13 12.51 18.04 11.55
N PRO A 14 12.37 17.41 12.73
CA PRO A 14 11.49 17.86 13.79
C PRO A 14 11.74 19.31 14.13
N GLY A 15 10.67 20.07 14.26
CA GLY A 15 10.77 21.47 14.62
C GLY A 15 10.92 22.38 13.43
N GLU A 16 11.13 21.87 12.22
CA GLU A 16 11.21 22.74 11.07
C GLU A 16 9.85 22.99 10.46
N THR A 17 9.74 23.93 9.53
CA THR A 17 8.50 24.28 8.88
C THR A 17 8.61 23.79 7.44
N VAL A 18 7.59 23.12 6.93
CA VAL A 18 7.57 22.59 5.55
C VAL A 18 6.23 22.95 4.88
N THR A 19 6.26 23.35 3.60
CA THR A 19 5.07 23.69 2.83
C THR A 19 4.97 22.77 1.62
N LEU A 20 3.77 22.20 1.47
CA LEU A 20 3.38 21.30 0.42
C LEU A 20 2.45 22.07 -0.49
N THR A 21 2.49 21.96 -1.82
CA THR A 21 1.58 22.68 -2.71
C THR A 21 0.71 21.76 -3.59
N CYS A 22 -0.38 22.31 -4.10
CA CYS A 22 -1.35 21.58 -4.87
C CYS A 22 -1.76 22.53 -5.96
N ARG A 23 -1.41 22.21 -7.18
CA ARG A 23 -1.86 23.05 -8.30
C ARG A 23 -2.67 22.30 -9.37
N SER A 24 -3.41 23.03 -10.21
CA SER A 24 -4.31 22.48 -11.21
C SER A 24 -3.88 22.79 -12.65
N SER A 25 -4.24 21.91 -13.59
CA SER A 25 -3.98 22.16 -15.00
C SER A 25 -4.97 23.18 -15.60
N THR A 26 -5.96 23.68 -14.88
CA THR A 26 -6.91 24.65 -15.39
C THR A 26 -6.45 26.08 -15.15
N GLY A 27 -5.36 26.22 -14.44
CA GLY A 27 -4.83 27.50 -14.08
C GLY A 27 -4.97 27.60 -12.58
N THR A 28 -5.16 28.80 -12.06
CA THR A 28 -5.21 28.98 -10.62
C THR A 28 -6.22 28.15 -9.82
N VAL A 29 -5.80 27.81 -8.60
CA VAL A 29 -6.70 27.23 -7.61
C VAL A 29 -7.39 28.45 -6.98
N THR A 30 -8.72 28.43 -6.80
CA THR A 30 -9.45 29.53 -6.19
C THR A 30 -10.16 28.99 -4.96
N SER A 31 -10.90 29.82 -4.22
CA SER A 31 -11.62 29.41 -3.01
C SER A 31 -12.76 28.50 -3.36
N GLY A 32 -13.35 28.62 -4.57
CA GLY A 32 -14.46 27.77 -4.95
C GLY A 32 -13.95 26.40 -5.28
N ASN A 33 -12.65 26.13 -5.29
CA ASN A 33 -12.15 24.78 -5.44
C ASN A 33 -12.10 24.03 -4.14
N HIS A 34 -12.44 24.71 -3.03
CA HIS A 34 -12.51 24.15 -1.67
C HIS A 34 -11.37 23.19 -1.35
N ALA A 35 -10.11 23.60 -1.54
CA ALA A 35 -9.00 22.66 -1.39
C ALA A 35 -8.99 21.88 -0.07
N ASN A 36 -8.88 20.58 -0.20
CA ASN A 36 -8.89 19.71 0.95
C ASN A 36 -7.55 18.99 1.07
N TRP A 37 -7.07 18.74 2.29
CA TRP A 37 -5.86 17.99 2.55
C TRP A 37 -6.17 16.88 3.51
N VAL A 38 -5.75 15.63 3.25
CA VAL A 38 -5.94 14.48 4.15
C VAL A 38 -4.60 13.78 4.33
N GLN A 39 -4.45 13.04 5.40
CA GLN A 39 -3.21 12.36 5.69
C GLN A 39 -3.41 10.84 5.68
N GLU A 40 -2.48 10.09 5.12
CA GLU A 40 -2.55 8.64 5.11
C GLU A 40 -1.36 8.14 5.92
N LYS A 41 -1.68 7.43 6.98
CA LYS A 41 -0.68 6.73 7.77
C LYS A 41 -0.79 5.23 7.49
N PRO A 42 0.14 4.36 7.90
CA PRO A 42 0.10 2.93 7.65
C PRO A 42 -1.17 2.24 8.13
N ASP A 43 -1.44 1.19 7.35
CA ASP A 43 -2.61 0.37 7.46
C ASP A 43 -3.91 1.13 7.28
N HIS A 44 -3.89 1.88 6.18
CA HIS A 44 -5.04 2.57 5.62
C HIS A 44 -5.74 3.47 6.62
N LEU A 45 -4.95 4.15 7.43
CA LEU A 45 -5.48 5.04 8.43
C LEU A 45 -5.49 6.44 7.85
N PHE A 46 -6.66 7.02 7.58
CA PHE A 46 -6.73 8.34 6.98
C PHE A 46 -7.39 9.29 7.94
N THR A 47 -6.89 10.51 7.90
CA THR A 47 -7.37 11.58 8.75
C THR A 47 -7.61 12.79 7.88
N GLY A 48 -8.78 13.43 7.96
CA GLY A 48 -8.98 14.68 7.27
C GLY A 48 -8.18 15.73 8.05
N LEU A 49 -7.46 16.62 7.39
CA LEU A 49 -6.72 17.68 8.06
C LEU A 49 -7.36 19.03 7.84
N ILE A 50 -7.53 19.44 6.56
CA ILE A 50 -7.95 20.77 6.14
C ILE A 50 -9.13 20.62 5.20
N GLY A 51 -10.18 21.37 5.39
CA GLY A 51 -11.28 21.41 4.46
C GLY A 51 -11.47 22.85 4.07
N ASP A 52 -12.17 23.10 2.97
CA ASP A 52 -12.48 24.43 2.47
C ASP A 52 -11.35 25.45 2.51
N THR A 53 -10.25 25.00 1.93
CA THR A 53 -9.02 25.76 1.77
C THR A 53 -8.24 25.92 3.07
N ASN A 54 -8.86 26.16 4.22
CA ASN A 54 -8.16 26.53 5.43
C ASN A 54 -8.77 26.16 6.75
N ASN A 55 -9.85 25.39 6.77
CA ASN A 55 -10.44 25.02 8.04
C ASN A 55 -9.84 23.72 8.55
N ARG A 56 -9.25 23.72 9.76
CA ARG A 56 -8.73 22.50 10.35
C ARG A 56 -9.92 21.62 10.69
N ALA A 57 -9.82 20.31 10.42
CA ALA A 57 -10.86 19.36 10.77
C ALA A 57 -10.86 19.25 12.30
N PRO A 58 -11.90 18.68 12.94
CA PRO A 58 -11.92 18.49 14.38
C PRO A 58 -10.71 17.71 14.91
N GLY A 59 -10.07 18.39 15.88
CA GLY A 59 -8.95 17.82 16.63
C GLY A 59 -7.66 17.64 15.85
N VAL A 60 -7.48 18.46 14.82
CA VAL A 60 -6.24 18.46 14.07
C VAL A 60 -5.34 19.48 14.78
N PRO A 61 -4.04 19.23 15.07
CA PRO A 61 -3.10 20.21 15.63
C PRO A 61 -3.02 21.51 14.87
N ALA A 62 -3.00 22.59 15.67
CA ALA A 62 -2.78 23.93 15.18
C ALA A 62 -1.54 24.14 14.31
N ARG A 63 -0.53 23.26 14.34
CA ARG A 63 0.65 23.42 13.51
C ARG A 63 0.37 23.18 12.03
N PHE A 64 -0.81 22.63 11.73
CA PHE A 64 -1.20 22.40 10.36
C PHE A 64 -2.06 23.57 9.95
N SER A 65 -1.72 24.31 8.88
CA SER A 65 -2.61 25.33 8.36
C SER A 65 -2.66 25.23 6.84
N GLY A 66 -3.79 25.54 6.20
CA GLY A 66 -3.90 25.56 4.74
C GLY A 66 -4.15 26.99 4.28
N SER A 67 -3.73 27.38 3.08
CA SER A 67 -3.90 28.70 2.54
C SER A 67 -3.78 28.63 1.01
N LEU A 68 -4.07 29.70 0.28
CA LEU A 68 -3.81 29.71 -1.14
C LEU A 68 -2.54 30.52 -1.21
N ILE A 69 -1.41 30.04 -1.75
CA ILE A 69 -0.22 30.85 -1.85
C ILE A 69 -0.12 31.10 -3.33
N GLY A 70 -0.60 32.27 -3.72
CA GLY A 70 -0.59 32.63 -5.11
C GLY A 70 -1.68 31.86 -5.83
N ASP A 71 -1.23 31.04 -6.74
CA ASP A 71 -2.15 30.32 -7.60
C ASP A 71 -2.31 28.85 -7.18
N LYS A 72 -1.89 28.52 -5.97
CA LYS A 72 -1.76 27.16 -5.53
C LYS A 72 -2.33 27.09 -4.16
N ALA A 73 -2.84 25.91 -3.80
CA ALA A 73 -3.26 25.67 -2.43
C ALA A 73 -1.99 25.13 -1.74
N ALA A 74 -1.80 25.38 -0.46
CA ALA A 74 -0.65 24.86 0.22
C ALA A 74 -1.02 24.48 1.63
N LEU A 75 -0.26 23.53 2.14
CA LEU A 75 -0.39 23.03 3.48
C LEU A 75 0.96 23.35 4.08
N THR A 76 1.02 24.06 5.19
CA THR A 76 2.26 24.38 5.89
C THR A 76 2.17 23.65 7.23
N ILE A 77 3.25 23.00 7.64
CA ILE A 77 3.28 22.35 8.93
C ILE A 77 4.37 23.20 9.55
N THR A 78 4.00 24.03 10.51
CA THR A 78 4.92 24.86 11.26
C THR A 78 5.40 24.07 12.45
N GLY A 79 6.63 23.60 12.43
CA GLY A 79 7.13 22.84 13.57
C GLY A 79 6.74 21.38 13.47
N ALA A 80 7.21 20.71 12.42
CA ALA A 80 6.93 19.30 12.14
C ALA A 80 7.38 18.29 13.20
N GLN A 81 6.54 17.30 13.51
CA GLN A 81 6.72 16.29 14.54
C GLN A 81 7.05 14.96 13.88
N PRO A 82 7.79 14.02 14.45
CA PRO A 82 8.08 12.73 13.83
C PRO A 82 6.82 12.00 13.39
N GLU A 83 5.74 12.09 14.14
CA GLU A 83 4.51 11.46 13.78
C GLU A 83 3.84 12.07 12.55
N ASP A 84 4.33 13.14 11.96
CA ASP A 84 3.72 13.71 10.77
C ASP A 84 4.30 13.07 9.53
N GLU A 85 5.21 12.10 9.67
CA GLU A 85 5.73 11.39 8.53
C GLU A 85 4.57 10.54 7.98
N ALA A 86 4.09 10.86 6.78
CA ALA A 86 2.93 10.23 6.16
C ALA A 86 2.79 10.69 4.72
N ILE A 87 1.69 10.31 4.06
CA ILE A 87 1.43 10.78 2.71
C ILE A 87 0.27 11.74 2.81
N TYR A 88 0.36 12.87 2.12
CA TYR A 88 -0.64 13.91 2.21
C TYR A 88 -1.26 14.05 0.84
N PHE A 89 -2.58 13.97 0.71
CA PHE A 89 -3.22 14.11 -0.58
C PHE A 89 -3.98 15.39 -0.64
N CYS A 90 -3.92 16.20 -1.68
CA CYS A 90 -4.87 17.27 -1.74
C CYS A 90 -5.90 16.86 -2.78
N ALA A 91 -7.07 17.48 -2.73
CA ALA A 91 -8.12 17.29 -3.70
C ALA A 91 -8.82 18.62 -3.85
N LEU A 92 -9.28 18.83 -5.10
CA LEU A 92 -9.91 20.07 -5.51
C LEU A 92 -11.33 19.81 -5.98
N TRP A 93 -12.34 20.58 -5.64
CA TRP A 93 -13.70 20.42 -6.16
C TRP A 93 -13.69 21.18 -7.45
N CYS A 94 -13.78 20.45 -8.55
CA CYS A 94 -13.74 21.06 -9.85
C CYS A 94 -14.79 20.39 -10.74
N ASN A 95 -15.74 21.21 -11.26
CA ASN A 95 -16.75 20.76 -12.21
C ASN A 95 -17.53 19.57 -11.65
N ASN A 96 -17.90 19.81 -10.41
CA ASN A 96 -18.62 18.87 -9.57
C ASN A 96 -17.96 17.51 -9.38
N HIS A 97 -16.64 17.44 -9.43
CA HIS A 97 -15.89 16.23 -9.11
C HIS A 97 -14.79 16.65 -8.14
N TRP A 98 -14.48 15.78 -7.17
CA TRP A 98 -13.31 15.95 -6.32
C TRP A 98 -12.21 15.26 -7.11
N ILE A 99 -11.15 16.00 -7.44
CA ILE A 99 -10.02 15.52 -8.22
C ILE A 99 -8.83 15.47 -7.27
N PHE A 100 -8.17 14.33 -7.18
CA PHE A 100 -7.04 14.13 -6.27
C PHE A 100 -5.67 14.35 -6.89
N GLY A 101 -4.76 14.95 -6.14
CA GLY A 101 -3.38 15.02 -6.57
C GLY A 101 -2.75 13.66 -6.31
N GLY A 102 -1.51 13.47 -6.69
CA GLY A 102 -0.86 12.19 -6.51
C GLY A 102 -0.38 11.91 -5.12
N GLY A 103 -0.48 12.80 -4.15
CA GLY A 103 0.07 12.51 -2.83
C GLY A 103 1.57 12.88 -2.69
N THR A 104 1.91 13.50 -1.56
CA THR A 104 3.31 13.83 -1.26
C THR A 104 3.75 12.91 -0.13
N LYS A 105 4.81 12.13 -0.24
CA LYS A 105 5.33 11.37 0.90
C LYS A 105 6.22 12.35 1.71
N LEU A 106 5.90 12.63 2.96
CA LEU A 106 6.71 13.51 3.75
C LEU A 106 7.48 12.69 4.77
N THR A 107 8.81 12.77 4.68
CA THR A 107 9.67 12.20 5.68
C THR A 107 9.96 13.28 6.72
N VAL A 108 9.71 13.03 8.01
CA VAL A 108 10.16 13.94 9.07
C VAL A 108 11.22 13.11 9.82
N LEU A 109 12.50 13.44 9.69
CA LEU A 109 13.60 12.63 10.18
C LEU A 109 13.68 12.49 11.70
N GLY A 110 13.07 11.43 12.19
CA GLY A 110 13.02 11.20 13.62
C GLY A 110 14.11 10.25 14.10
N GLN A 111 15.00 9.85 13.21
CA GLN A 111 16.12 8.98 13.48
C GLN A 111 17.09 9.23 12.34
N PRO A 112 18.38 8.88 12.45
CA PRO A 112 19.35 8.98 11.37
C PRO A 112 18.99 8.11 10.18
N LYS A 113 19.45 8.60 9.05
CA LYS A 113 19.22 7.90 7.80
C LYS A 113 19.94 6.57 7.91
N SER A 114 19.48 5.57 7.17
CA SER A 114 20.05 4.25 7.23
C SER A 114 19.99 3.69 5.83
N SER A 115 21.11 3.11 5.38
CA SER A 115 21.21 2.45 4.10
C SER A 115 20.61 1.04 4.11
N PRO A 116 20.10 0.54 2.97
CA PRO A 116 19.48 -0.76 2.92
C PRO A 116 20.44 -1.92 3.02
N SER A 117 20.00 -2.94 3.75
CA SER A 117 20.66 -4.24 3.77
C SER A 117 19.97 -5.01 2.63
N VAL A 118 20.70 -5.36 1.59
CA VAL A 118 20.14 -6.06 0.44
C VAL A 118 20.63 -7.51 0.51
N THR A 119 19.75 -8.49 0.41
CA THR A 119 20.16 -9.89 0.33
C THR A 119 19.51 -10.39 -0.95
N LEU A 120 20.22 -11.12 -1.78
CA LEU A 120 19.69 -11.74 -2.98
C LEU A 120 19.83 -13.25 -2.82
N PHE A 121 18.74 -13.99 -2.96
CA PHE A 121 18.79 -15.44 -2.81
C PHE A 121 18.66 -16.07 -4.19
N PRO A 122 19.36 -17.16 -4.50
CA PRO A 122 19.15 -17.92 -5.76
C PRO A 122 17.90 -18.80 -5.70
N PRO A 123 17.34 -19.33 -6.80
CA PRO A 123 16.19 -20.26 -6.81
C PRO A 123 16.53 -21.47 -5.99
N SER A 124 15.60 -22.08 -5.27
CA SER A 124 15.87 -23.30 -4.53
C SER A 124 15.79 -24.49 -5.51
N SER A 125 16.49 -25.63 -5.33
CA SER A 125 16.39 -26.78 -6.23
C SER A 125 14.98 -27.30 -6.35
N GLU A 126 14.24 -27.24 -5.24
CA GLU A 126 12.88 -27.75 -5.20
C GLU A 126 12.01 -26.90 -6.10
N GLU A 127 12.19 -25.59 -6.19
CA GLU A 127 11.46 -24.85 -7.19
C GLU A 127 12.02 -25.16 -8.59
N LEU A 128 13.34 -25.35 -8.82
CA LEU A 128 13.84 -25.61 -10.18
C LEU A 128 13.29 -26.89 -10.77
N GLU A 129 12.96 -27.87 -9.93
CA GLU A 129 12.24 -29.07 -10.34
C GLU A 129 10.87 -28.80 -10.98
N THR A 130 10.21 -27.66 -10.71
CA THR A 130 8.91 -27.38 -11.28
C THR A 130 9.05 -26.66 -12.64
N ASN A 131 10.29 -26.42 -13.09
CA ASN A 131 10.56 -25.71 -14.32
C ASN A 131 10.40 -24.21 -14.12
N LYS A 132 10.57 -23.70 -12.89
CA LYS A 132 10.47 -22.29 -12.58
C LYS A 132 11.65 -21.87 -11.73
N ALA A 133 11.96 -20.57 -11.76
CA ALA A 133 13.09 -20.03 -11.04
C ALA A 133 12.76 -18.66 -10.51
N THR A 134 12.67 -18.40 -9.21
CA THR A 134 12.43 -17.04 -8.72
C THR A 134 13.67 -16.61 -7.93
N LEU A 135 14.18 -15.46 -8.29
CA LEU A 135 15.23 -14.83 -7.52
C LEU A 135 14.52 -13.80 -6.64
N VAL A 136 14.93 -13.81 -5.36
CA VAL A 136 14.35 -12.96 -4.33
C VAL A 136 15.37 -11.94 -3.81
N CYS A 137 15.06 -10.65 -3.84
CA CYS A 137 15.94 -9.63 -3.35
C CYS A 137 15.24 -8.99 -2.17
N THR A 138 15.71 -9.11 -0.92
CA THR A 138 15.06 -8.52 0.24
C THR A 138 15.85 -7.27 0.59
N ILE A 139 15.16 -6.18 0.96
CA ILE A 139 15.80 -4.89 1.15
C ILE A 139 15.23 -4.39 2.46
N THR A 140 16.03 -4.25 3.52
CA THR A 140 15.50 -3.88 4.83
C THR A 140 16.30 -2.74 5.43
N ASP A 141 15.76 -2.20 6.51
CA ASP A 141 16.43 -1.20 7.29
C ASP A 141 16.84 0.10 6.61
N PHE A 142 16.09 0.58 5.61
CA PHE A 142 16.47 1.84 5.00
C PHE A 142 15.62 2.98 5.53
N TYR A 143 16.21 4.16 5.61
CA TYR A 143 15.48 5.31 6.09
C TYR A 143 16.17 6.50 5.44
N PRO A 144 15.56 7.47 4.73
CA PRO A 144 14.11 7.54 4.40
C PRO A 144 13.52 6.33 3.65
N GLY A 145 12.22 6.09 3.68
CA GLY A 145 11.65 4.93 3.03
C GLY A 145 11.35 5.12 1.56
N VAL A 146 12.34 5.41 0.73
CA VAL A 146 12.16 5.61 -0.69
C VAL A 146 13.37 4.90 -1.28
N VAL A 147 13.19 3.97 -2.22
CA VAL A 147 14.27 3.19 -2.78
C VAL A 147 13.93 2.88 -4.25
N THR A 148 14.86 2.69 -5.20
CA THR A 148 14.50 2.15 -6.51
C THR A 148 15.24 0.84 -6.68
N VAL A 149 14.61 -0.17 -7.29
CA VAL A 149 15.24 -1.46 -7.47
C VAL A 149 15.37 -1.69 -8.97
N ASP A 150 16.50 -2.22 -9.43
CA ASP A 150 16.79 -2.49 -10.83
C ASP A 150 17.41 -3.87 -10.88
N TRP A 151 17.07 -4.68 -11.89
CA TRP A 151 17.59 -6.02 -12.03
C TRP A 151 18.43 -6.10 -13.30
N LYS A 152 19.54 -6.82 -13.29
CA LYS A 152 20.32 -6.99 -14.49
C LYS A 152 20.61 -8.46 -14.61
N VAL A 153 20.44 -8.96 -15.83
CA VAL A 153 20.76 -10.33 -16.13
C VAL A 153 21.79 -10.16 -17.22
N ASP A 154 22.99 -10.67 -16.92
CA ASP A 154 24.18 -10.53 -17.73
C ASP A 154 24.40 -9.15 -18.32
N GLY A 155 24.17 -8.17 -17.43
CA GLY A 155 24.39 -6.77 -17.75
C GLY A 155 23.25 -6.10 -18.48
N THR A 156 22.30 -6.84 -19.06
CA THR A 156 21.21 -6.20 -19.78
C THR A 156 20.11 -5.86 -18.78
N PRO A 157 19.58 -4.63 -18.75
CA PRO A 157 18.44 -4.26 -17.89
C PRO A 157 17.20 -5.14 -18.09
N VAL A 158 16.58 -5.54 -16.99
CA VAL A 158 15.41 -6.38 -17.04
C VAL A 158 14.23 -5.45 -16.81
N THR A 159 13.32 -5.50 -17.76
CA THR A 159 12.11 -4.72 -17.64
C THR A 159 10.86 -5.59 -17.78
N GLN A 160 10.97 -6.92 -17.84
CA GLN A 160 9.80 -7.77 -17.91
C GLN A 160 10.01 -8.88 -16.90
N GLY A 161 9.00 -9.18 -16.08
CA GLY A 161 9.10 -10.32 -15.18
C GLY A 161 9.51 -10.02 -13.75
N MET A 162 9.54 -8.77 -13.29
CA MET A 162 9.91 -8.52 -11.93
C MET A 162 8.78 -7.78 -11.29
N GLU A 163 8.64 -8.06 -9.99
CA GLU A 163 7.62 -7.52 -9.10
C GLU A 163 8.30 -6.91 -7.87
N THR A 164 8.01 -5.69 -7.45
CA THR A 164 8.63 -5.09 -6.28
C THR A 164 7.53 -4.55 -5.39
N THR A 165 7.61 -4.78 -4.08
CA THR A 165 6.58 -4.32 -3.19
C THR A 165 6.85 -2.85 -2.89
N GLN A 166 5.85 -2.16 -2.37
CA GLN A 166 5.96 -0.80 -1.94
C GLN A 166 6.59 -0.90 -0.55
N PRO A 167 7.42 0.05 -0.09
CA PRO A 167 8.10 0.03 1.20
C PRO A 167 7.22 -0.13 2.43
N SER A 168 7.38 -1.12 3.29
CA SER A 168 6.61 -1.22 4.51
C SER A 168 7.44 -0.71 5.67
N LYS A 169 6.82 0.05 6.56
CA LYS A 169 7.43 0.55 7.77
C LYS A 169 7.69 -0.64 8.68
N GLN A 170 8.91 -0.85 9.08
CA GLN A 170 9.22 -1.87 10.06
C GLN A 170 8.85 -1.37 11.45
N SER A 171 8.94 -2.28 12.42
CA SER A 171 8.62 -2.00 13.82
C SER A 171 9.53 -0.92 14.44
N ASN A 172 10.80 -0.93 14.00
CA ASN A 172 11.77 0.05 14.42
C ASN A 172 11.66 1.32 13.59
N ASN A 173 10.67 1.41 12.72
CA ASN A 173 10.37 2.52 11.83
C ASN A 173 11.29 2.90 10.70
N LYS A 174 12.14 1.94 10.38
CA LYS A 174 12.90 1.99 9.18
C LYS A 174 12.01 1.27 8.17
N TYR A 175 12.35 1.08 6.90
CA TYR A 175 11.43 0.47 5.96
C TYR A 175 12.03 -0.78 5.33
N MET A 176 11.18 -1.62 4.74
CA MET A 176 11.58 -2.84 4.08
C MET A 176 10.81 -2.97 2.77
N ALA A 177 11.32 -3.71 1.77
CA ALA A 177 10.67 -4.03 0.48
C ALA A 177 11.37 -5.26 -0.11
N SER A 178 10.66 -6.08 -0.90
CA SER A 178 11.30 -7.14 -1.66
C SER A 178 10.96 -6.99 -3.12
N SER A 179 11.81 -7.59 -3.95
CA SER A 179 11.63 -7.65 -5.39
C SER A 179 11.88 -9.11 -5.80
N TYR A 180 11.18 -9.56 -6.83
CA TYR A 180 11.21 -10.92 -7.32
C TYR A 180 11.55 -10.87 -8.78
N LEU A 181 12.37 -11.78 -9.30
CA LEU A 181 12.58 -11.89 -10.74
C LEU A 181 12.15 -13.30 -11.01
N THR A 182 11.09 -13.57 -11.75
CA THR A 182 10.73 -14.97 -11.98
C THR A 182 11.09 -15.37 -13.41
N LEU A 183 11.73 -16.51 -13.61
CA LEU A 183 12.10 -16.97 -14.94
C LEU A 183 11.77 -18.45 -15.02
N THR A 184 11.76 -18.99 -16.23
CA THR A 184 11.55 -20.42 -16.40
C THR A 184 12.93 -21.02 -16.13
N ALA A 185 13.07 -22.28 -15.72
CA ALA A 185 14.41 -22.81 -15.48
C ALA A 185 15.28 -22.79 -16.73
N ARG A 186 14.65 -22.94 -17.91
CA ARG A 186 15.35 -22.87 -19.19
C ARG A 186 16.01 -21.51 -19.35
N ALA A 187 15.26 -20.44 -19.09
CA ALA A 187 15.81 -19.10 -19.16
C ALA A 187 16.93 -18.91 -18.13
N TRP A 188 16.76 -19.49 -16.94
CA TRP A 188 17.73 -19.38 -15.88
C TRP A 188 19.05 -19.99 -16.30
N GLU A 189 18.90 -21.11 -17.02
CA GLU A 189 20.05 -21.82 -17.53
C GLU A 189 20.75 -21.09 -18.68
N ARG A 190 20.16 -20.10 -19.36
CA ARG A 190 20.91 -19.39 -20.40
C ARG A 190 21.76 -18.22 -19.91
N HIS A 191 21.73 -17.85 -18.64
CA HIS A 191 22.45 -16.67 -18.17
C HIS A 191 23.27 -16.99 -16.95
N SER A 192 24.34 -16.23 -16.71
CA SER A 192 25.20 -16.52 -15.57
C SER A 192 25.15 -15.52 -14.43
N SER A 193 25.27 -14.21 -14.65
CA SER A 193 25.26 -13.26 -13.58
C SER A 193 23.88 -12.60 -13.51
N TYR A 194 23.38 -12.50 -12.27
CA TYR A 194 22.13 -11.86 -11.96
C TYR A 194 22.39 -10.81 -10.90
N SER A 195 21.88 -9.58 -11.05
CA SER A 195 22.08 -8.52 -10.07
C SER A 195 20.80 -7.83 -9.69
N CYS A 196 20.74 -7.47 -8.42
CA CYS A 196 19.67 -6.70 -7.83
C CYS A 196 20.40 -5.43 -7.37
N GLN A 197 19.96 -4.29 -7.87
CA GLN A 197 20.58 -3.01 -7.64
C GLN A 197 19.59 -2.09 -7.00
N VAL A 198 19.96 -1.55 -5.86
CA VAL A 198 19.04 -0.77 -5.07
C VAL A 198 19.63 0.63 -4.87
N THR A 199 18.95 1.69 -5.30
CA THR A 199 19.50 3.00 -5.08
C THR A 199 18.68 3.64 -3.97
N HIS A 200 19.36 4.12 -2.93
CA HIS A 200 18.74 4.78 -1.80
C HIS A 200 19.54 6.08 -1.64
N GLU A 201 18.87 7.23 -1.57
CA GLU A 201 19.50 8.55 -1.40
C GLU A 201 20.72 8.73 -2.32
N GLY A 202 20.54 8.55 -3.63
CA GLY A 202 21.63 8.73 -4.57
C GLY A 202 22.74 7.67 -4.56
N HIS A 203 22.80 6.73 -3.63
CA HIS A 203 23.83 5.73 -3.71
C HIS A 203 23.25 4.34 -3.95
N THR A 204 23.97 3.56 -4.77
CA THR A 204 23.55 2.23 -5.15
C THR A 204 24.26 1.16 -4.39
N VAL A 205 23.49 0.16 -3.98
CA VAL A 205 23.99 -1.06 -3.36
C VAL A 205 23.70 -2.09 -4.48
N GLU A 206 24.56 -3.05 -4.72
CA GLU A 206 24.31 -4.05 -5.76
C GLU A 206 24.62 -5.41 -5.16
N LYS A 207 23.80 -6.42 -5.44
CA LYS A 207 24.08 -7.75 -4.98
C LYS A 207 23.96 -8.58 -6.24
N SER A 208 24.93 -9.44 -6.53
CA SER A 208 24.96 -10.21 -7.77
C SER A 208 25.24 -11.65 -7.42
N LEU A 209 24.85 -12.60 -8.24
CA LEU A 209 25.26 -13.96 -8.06
C LEU A 209 25.47 -14.49 -9.45
N SER A 210 26.11 -15.65 -9.52
CA SER A 210 26.39 -16.31 -10.76
C SER A 210 25.74 -17.67 -10.64
N ARG A 211 25.19 -18.20 -11.71
CA ARG A 211 24.61 -19.53 -11.71
C ARG A 211 25.84 -20.41 -11.75
N ALA A 212 26.25 -21.04 -10.66
CA ALA A 212 27.42 -21.92 -10.68
C ALA A 212 28.20 -21.89 -9.35
N GLU B 1 -17.60 8.53 19.67
CA GLU B 1 -17.44 9.91 19.23
C GLU B 1 -18.04 9.78 17.84
N VAL B 2 -17.57 10.41 16.75
CA VAL B 2 -18.05 10.13 15.40
C VAL B 2 -17.30 8.86 15.02
N GLN B 3 -18.01 7.91 14.42
CA GLN B 3 -17.43 6.67 13.93
C GLN B 3 -18.18 6.39 12.63
N VAL B 4 -17.45 5.84 11.68
CA VAL B 4 -17.94 5.46 10.37
C VAL B 4 -17.49 3.99 10.31
N GLN B 5 -18.46 3.09 10.46
CA GLN B 5 -18.25 1.66 10.49
C GLN B 5 -18.47 1.09 9.09
N GLN B 6 -17.55 0.31 8.54
CA GLN B 6 -17.66 -0.24 7.20
C GLN B 6 -17.78 -1.75 7.31
N SER B 7 -18.36 -2.35 6.27
CA SER B 7 -18.41 -3.78 6.12
C SER B 7 -17.04 -4.33 5.85
N GLY B 8 -16.94 -5.66 5.93
CA GLY B 8 -15.70 -6.40 5.76
C GLY B 8 -15.22 -6.61 4.32
N THR B 9 -14.26 -7.52 4.27
CA THR B 9 -13.56 -7.90 3.05
C THR B 9 -14.47 -8.66 2.08
N VAL B 10 -14.37 -8.48 0.77
CA VAL B 10 -15.25 -9.17 -0.15
C VAL B 10 -14.36 -9.78 -1.21
N LEU B 11 -14.75 -10.98 -1.58
CA LEU B 11 -14.09 -11.68 -2.64
C LEU B 11 -15.22 -11.92 -3.66
N ALA B 12 -15.00 -11.51 -4.91
CA ALA B 12 -16.03 -11.65 -5.91
C ALA B 12 -15.41 -12.08 -7.24
N ARG B 13 -16.21 -12.70 -8.11
CA ARG B 13 -15.73 -13.19 -9.39
C ARG B 13 -16.12 -12.15 -10.43
N PRO B 14 -15.40 -12.08 -11.56
CA PRO B 14 -15.71 -11.19 -12.68
C PRO B 14 -17.18 -11.28 -13.14
N GLY B 15 -17.88 -10.16 -13.37
CA GLY B 15 -19.24 -10.17 -13.88
C GLY B 15 -20.28 -9.94 -12.81
N ALA B 16 -19.93 -10.26 -11.56
CA ALA B 16 -20.83 -10.11 -10.44
C ALA B 16 -21.06 -8.66 -10.00
N SER B 17 -21.79 -8.54 -8.91
CA SER B 17 -22.21 -7.28 -8.36
C SER B 17 -22.02 -7.44 -6.84
N VAL B 18 -21.68 -6.41 -6.05
CA VAL B 18 -21.50 -6.52 -4.61
C VAL B 18 -22.12 -5.27 -4.06
N LYS B 19 -22.55 -5.34 -2.80
CA LYS B 19 -23.11 -4.21 -2.11
C LYS B 19 -22.24 -4.04 -0.88
N MET B 20 -21.80 -2.82 -0.58
CA MET B 20 -20.96 -2.51 0.57
C MET B 20 -21.74 -1.42 1.30
N SER B 21 -21.47 -1.27 2.59
CA SER B 21 -22.23 -0.36 3.43
C SER B 21 -21.40 0.38 4.48
N CYS B 22 -21.90 1.52 4.95
CA CYS B 22 -21.24 2.33 5.95
C CYS B 22 -22.30 2.81 6.88
N LYS B 23 -22.10 2.52 8.14
CA LYS B 23 -23.02 2.90 9.20
C LYS B 23 -22.42 4.09 9.95
N ALA B 24 -23.18 5.15 10.16
CA ALA B 24 -22.70 6.32 10.86
C ALA B 24 -22.88 6.21 12.37
N SER B 25 -22.04 6.81 13.19
CA SER B 25 -22.24 6.75 14.63
C SER B 25 -21.72 8.07 15.19
N GLY B 26 -22.41 8.70 16.14
CA GLY B 26 -21.94 9.93 16.75
C GLY B 26 -22.38 11.25 16.11
N TYR B 27 -23.33 11.31 15.17
CA TYR B 27 -23.75 12.56 14.53
C TYR B 27 -25.07 12.38 13.81
N THR B 28 -25.67 13.49 13.38
CA THR B 28 -26.90 13.51 12.59
C THR B 28 -26.66 13.24 11.09
N PHE B 29 -26.79 11.96 10.74
CA PHE B 29 -26.64 11.44 9.39
C PHE B 29 -27.25 12.31 8.30
N THR B 30 -28.46 12.80 8.54
CA THR B 30 -29.20 13.60 7.60
C THR B 30 -28.70 15.02 7.41
N ASN B 31 -27.62 15.40 8.06
CA ASN B 31 -27.08 16.74 7.84
C ASN B 31 -25.73 16.70 7.14
N TYR B 32 -25.25 15.50 6.83
CA TYR B 32 -23.95 15.30 6.21
C TYR B 32 -24.00 14.43 4.97
N TRP B 33 -23.04 14.69 4.07
CA TRP B 33 -22.84 13.89 2.88
C TRP B 33 -22.01 12.67 3.25
N MET B 34 -22.19 11.62 2.48
CA MET B 34 -21.42 10.41 2.63
C MET B 34 -20.76 10.28 1.26
N HIS B 35 -19.42 10.29 1.22
CA HIS B 35 -18.70 10.17 -0.02
C HIS B 35 -18.08 8.78 -0.01
N TRP B 36 -17.77 8.25 -1.20
CA TRP B 36 -17.11 6.96 -1.37
C TRP B 36 -15.84 7.18 -2.17
N ILE B 37 -14.71 6.58 -1.73
CA ILE B 37 -13.38 6.78 -2.31
C ILE B 37 -12.83 5.41 -2.67
N LYS B 38 -12.20 5.25 -3.81
CA LYS B 38 -11.58 4.01 -4.27
C LYS B 38 -10.10 4.25 -4.15
N GLN B 39 -9.31 3.35 -3.56
CA GLN B 39 -7.87 3.44 -3.55
C GLN B 39 -7.33 2.14 -4.17
N ARG B 40 -6.63 2.29 -5.30
CA ARG B 40 -6.02 1.15 -5.96
C ARG B 40 -4.57 1.16 -5.55
N PRO B 41 -4.05 0.10 -4.88
CA PRO B 41 -2.67 -0.34 -4.81
C PRO B 41 -1.58 0.64 -5.21
N GLY B 42 -1.53 0.96 -6.51
CA GLY B 42 -0.74 2.08 -6.95
C GLY B 42 -1.39 2.59 -8.22
N GLN B 43 -2.33 3.47 -7.87
CA GLN B 43 -3.11 4.25 -8.81
C GLN B 43 -3.65 5.50 -8.11
N GLY B 44 -3.42 5.64 -6.80
CA GLY B 44 -3.92 6.79 -6.08
C GLY B 44 -5.37 6.63 -5.68
N LEU B 45 -5.96 7.74 -5.28
CA LEU B 45 -7.30 7.78 -4.76
C LEU B 45 -8.24 8.29 -5.83
N GLU B 46 -9.48 7.81 -5.91
CA GLU B 46 -10.45 8.29 -6.89
C GLU B 46 -11.74 8.53 -6.19
N TRP B 47 -12.42 9.61 -6.49
CA TRP B 47 -13.70 9.86 -5.86
C TRP B 47 -14.77 9.15 -6.69
N ILE B 48 -15.66 8.35 -6.09
CA ILE B 48 -16.75 7.69 -6.79
C ILE B 48 -17.97 8.59 -6.86
N GLY B 49 -18.44 9.13 -5.75
CA GLY B 49 -19.61 9.98 -5.72
C GLY B 49 -19.95 10.23 -4.27
N ALA B 50 -21.07 10.93 -4.06
CA ALA B 50 -21.53 11.27 -2.74
C ALA B 50 -23.03 11.22 -2.72
N ILE B 51 -23.59 10.92 -1.55
CA ILE B 51 -25.03 10.98 -1.32
C ILE B 51 -25.33 11.85 -0.09
N TYR B 52 -26.38 12.65 -0.17
CA TYR B 52 -26.87 13.43 0.96
C TYR B 52 -28.12 12.73 1.45
N PRO B 53 -28.09 11.90 2.49
CA PRO B 53 -29.21 11.14 2.99
C PRO B 53 -30.48 11.95 3.23
N GLY B 54 -30.39 13.08 3.95
CA GLY B 54 -31.49 13.96 4.26
C GLY B 54 -32.44 14.15 3.09
N ASN B 55 -31.95 14.30 1.86
CA ASN B 55 -32.87 14.46 0.73
C ASN B 55 -32.51 13.57 -0.45
N SER B 56 -31.63 12.60 -0.19
CA SER B 56 -31.10 11.67 -1.16
C SER B 56 -30.59 12.26 -2.47
N ALA B 57 -29.93 13.42 -2.41
CA ALA B 57 -29.27 13.99 -3.60
C ALA B 57 -27.97 13.20 -3.81
N THR B 58 -27.45 13.10 -5.03
CA THR B 58 -26.20 12.38 -5.27
C THR B 58 -25.38 13.18 -6.25
N PHE B 59 -24.08 12.93 -6.27
CA PHE B 59 -23.16 13.48 -7.28
C PHE B 59 -22.40 12.22 -7.66
N TYR B 60 -22.05 12.02 -8.93
CA TYR B 60 -21.31 10.84 -9.30
C TYR B 60 -20.17 11.32 -10.13
N ASN B 61 -19.10 10.55 -10.08
CA ASN B 61 -17.99 10.81 -10.96
C ASN B 61 -18.51 10.23 -12.28
N HIS B 62 -18.32 10.88 -13.45
CA HIS B 62 -18.85 10.37 -14.72
C HIS B 62 -18.36 8.97 -15.04
N LYS B 63 -17.08 8.75 -14.74
CA LYS B 63 -16.40 7.48 -14.91
C LYS B 63 -17.02 6.36 -14.08
N PHE B 64 -17.74 6.64 -13.00
CA PHE B 64 -18.31 5.59 -12.17
C PHE B 64 -19.81 5.58 -12.27
N ARG B 65 -20.39 6.41 -13.13
CA ARG B 65 -21.84 6.47 -13.20
C ARG B 65 -22.42 5.16 -13.73
N ALA B 66 -21.73 4.41 -14.58
CA ALA B 66 -22.20 3.12 -15.07
C ALA B 66 -21.92 1.96 -14.11
N LYS B 67 -21.17 2.21 -13.04
CA LYS B 67 -20.68 1.16 -12.17
C LYS B 67 -21.32 1.16 -10.81
N THR B 68 -21.62 2.34 -10.29
CA THR B 68 -22.05 2.53 -8.93
C THR B 68 -23.45 3.04 -8.72
N LYS B 69 -24.04 2.58 -7.63
CA LYS B 69 -25.33 3.04 -7.26
C LYS B 69 -25.22 3.23 -5.77
N LEU B 70 -25.46 4.45 -5.34
CA LEU B 70 -25.31 4.87 -3.97
C LEU B 70 -26.72 5.01 -3.42
N THR B 71 -26.95 4.55 -2.20
CA THR B 71 -28.26 4.66 -1.56
C THR B 71 -27.98 4.85 -0.08
N ALA B 72 -28.96 5.16 0.75
CA ALA B 72 -28.77 5.34 2.18
C ALA B 72 -30.11 5.03 2.81
N VAL B 73 -30.17 4.45 3.99
CA VAL B 73 -31.41 4.16 4.66
C VAL B 73 -31.31 4.94 5.96
N THR B 74 -32.01 6.07 6.01
CA THR B 74 -32.00 6.93 7.18
C THR B 74 -32.44 6.27 8.50
N SER B 75 -33.43 5.36 8.52
CA SER B 75 -33.79 4.69 9.75
C SER B 75 -32.69 3.79 10.28
N THR B 76 -31.80 3.32 9.40
CA THR B 76 -30.76 2.38 9.78
C THR B 76 -29.39 3.06 9.84
N ILE B 77 -29.37 4.37 9.55
CA ILE B 77 -28.20 5.20 9.35
C ILE B 77 -27.04 4.47 8.65
N THR B 78 -27.45 3.91 7.50
CA THR B 78 -26.54 3.17 6.65
C THR B 78 -26.53 3.68 5.23
N ALA B 79 -25.35 3.89 4.63
CA ALA B 79 -25.23 4.23 3.22
C ALA B 79 -24.72 2.96 2.54
N TYR B 80 -25.07 2.72 1.28
CA TYR B 80 -24.65 1.53 0.54
C TYR B 80 -24.12 2.00 -0.78
N MET B 81 -23.26 1.17 -1.34
CA MET B 81 -22.77 1.40 -2.68
C MET B 81 -22.82 0.01 -3.27
N GLU B 82 -23.45 -0.13 -4.43
CA GLU B 82 -23.52 -1.38 -5.16
C GLU B 82 -22.63 -1.22 -6.38
N LEU B 83 -21.75 -2.16 -6.68
CA LEU B 83 -20.91 -2.06 -7.85
C LEU B 83 -21.35 -3.20 -8.73
N SER B 84 -21.57 -2.97 -10.00
CA SER B 84 -21.99 -4.02 -10.88
C SER B 84 -20.92 -4.41 -11.90
N SER B 85 -21.05 -5.57 -12.57
CA SER B 85 -20.17 -6.00 -13.64
C SER B 85 -18.69 -5.88 -13.38
N LEU B 86 -18.34 -6.47 -12.24
CA LEU B 86 -17.00 -6.36 -11.73
C LEU B 86 -15.92 -6.91 -12.64
N THR B 87 -14.86 -6.13 -12.84
CA THR B 87 -13.68 -6.54 -13.56
C THR B 87 -12.57 -6.56 -12.50
N ASN B 88 -11.38 -6.92 -12.92
CA ASN B 88 -10.19 -6.94 -12.09
C ASN B 88 -9.81 -5.54 -11.62
N GLU B 89 -10.18 -4.58 -12.47
CA GLU B 89 -9.86 -3.18 -12.24
C GLU B 89 -10.66 -2.59 -11.08
N ASP B 90 -11.68 -3.29 -10.63
CA ASP B 90 -12.43 -2.87 -9.48
C ASP B 90 -11.81 -3.39 -8.18
N SER B 91 -10.78 -4.24 -8.19
CA SER B 91 -10.15 -4.65 -6.95
C SER B 91 -9.43 -3.41 -6.37
N ALA B 92 -9.72 -3.10 -5.11
CA ALA B 92 -9.27 -1.86 -4.51
C ALA B 92 -9.78 -1.87 -3.09
N VAL B 93 -9.38 -0.88 -2.28
CA VAL B 93 -9.93 -0.67 -0.96
C VAL B 93 -10.89 0.50 -1.15
N TYR B 94 -12.11 0.41 -0.62
CA TYR B 94 -13.11 1.46 -0.74
C TYR B 94 -13.32 2.05 0.64
N TYR B 95 -13.41 3.37 0.73
CA TYR B 95 -13.64 4.06 1.96
C TYR B 95 -14.93 4.85 1.91
N CYS B 96 -15.73 4.96 2.96
CA CYS B 96 -16.74 5.98 2.92
C CYS B 96 -16.23 7.04 3.90
N THR B 97 -16.53 8.29 3.60
CA THR B 97 -16.05 9.44 4.36
C THR B 97 -17.23 10.39 4.58
N ARG B 98 -17.16 11.22 5.62
CA ARG B 98 -18.23 12.11 5.97
C ARG B 98 -17.87 13.49 5.47
N GLY B 99 -18.81 14.15 4.80
CA GLY B 99 -18.51 15.43 4.19
C GLY B 99 -19.56 16.44 4.55
N GLY B 100 -19.26 17.67 4.22
CA GLY B 100 -20.13 18.77 4.56
C GLY B 100 -19.78 19.89 3.60
N HIS B 101 -19.92 21.14 3.98
CA HIS B 101 -19.66 22.22 3.05
C HIS B 101 -18.17 22.38 2.84
N GLY B 102 -17.78 22.42 1.59
CA GLY B 102 -16.42 22.57 1.20
C GLY B 102 -15.59 21.37 1.54
N TYR B 103 -16.08 20.22 2.00
CA TYR B 103 -15.13 19.14 2.24
C TYR B 103 -15.79 17.81 2.06
N TYR B 104 -15.02 16.78 1.71
CA TYR B 104 -15.57 15.46 1.53
C TYR B 104 -15.27 14.46 2.65
N GLY B 105 -14.31 14.71 3.57
CA GLY B 105 -13.95 13.63 4.46
C GLY B 105 -13.12 14.05 5.65
N ASP B 106 -13.79 14.58 6.69
CA ASP B 106 -13.10 14.87 7.93
C ASP B 106 -12.96 13.56 8.66
N TYR B 107 -13.98 12.72 8.76
CA TYR B 107 -13.82 11.40 9.33
C TYR B 107 -13.91 10.34 8.23
N TRP B 108 -13.03 9.36 8.27
CA TRP B 108 -12.94 8.24 7.35
C TRP B 108 -13.27 6.88 7.97
N GLY B 109 -13.87 6.00 7.17
CA GLY B 109 -14.08 4.65 7.61
C GLY B 109 -12.76 3.92 7.47
N GLN B 110 -12.75 2.66 7.85
CA GLN B 110 -11.50 1.90 7.85
C GLN B 110 -11.12 1.27 6.53
N GLY B 111 -12.04 1.21 5.57
CA GLY B 111 -11.74 0.65 4.26
C GLY B 111 -12.36 -0.72 4.17
N ALA B 112 -12.66 -1.21 2.98
CA ALA B 112 -13.21 -2.54 2.79
C ALA B 112 -12.53 -2.92 1.51
N SER B 113 -11.84 -4.04 1.59
CA SER B 113 -11.08 -4.54 0.47
C SER B 113 -12.02 -5.37 -0.39
N LEU B 114 -11.90 -5.19 -1.70
CA LEU B 114 -12.66 -5.96 -2.65
C LEU B 114 -11.63 -6.58 -3.55
N THR B 115 -11.65 -7.88 -3.75
CA THR B 115 -10.76 -8.55 -4.70
C THR B 115 -11.68 -9.22 -5.70
N VAL B 116 -11.39 -9.09 -7.00
CA VAL B 116 -12.21 -9.65 -8.08
C VAL B 116 -11.24 -10.56 -8.78
N SER B 117 -11.51 -11.84 -8.75
CA SER B 117 -10.58 -12.80 -9.28
C SER B 117 -11.40 -13.95 -9.77
N SER B 118 -10.87 -14.64 -10.77
CA SER B 118 -11.43 -15.87 -11.30
C SER B 118 -10.79 -17.08 -10.64
N ALA B 119 -9.69 -16.85 -9.92
CA ALA B 119 -8.93 -17.91 -9.29
C ALA B 119 -9.68 -18.73 -8.23
N LYS B 120 -9.20 -19.94 -8.00
CA LYS B 120 -9.78 -20.81 -7.01
C LYS B 120 -8.81 -20.84 -5.82
N THR B 121 -9.25 -21.37 -4.69
CA THR B 121 -8.42 -21.53 -3.52
C THR B 121 -7.28 -22.43 -3.92
N THR B 122 -6.05 -21.96 -3.69
CA THR B 122 -4.86 -22.70 -4.04
C THR B 122 -4.00 -22.65 -2.80
N PRO B 123 -3.43 -23.75 -2.34
CA PRO B 123 -2.40 -23.74 -1.30
C PRO B 123 -1.04 -23.26 -1.82
N PRO B 124 -0.26 -22.58 -0.97
CA PRO B 124 1.12 -22.21 -1.23
C PRO B 124 2.12 -23.36 -1.41
N SER B 125 3.10 -23.12 -2.26
CA SER B 125 4.26 -23.97 -2.38
C SER B 125 5.26 -23.20 -1.51
N VAL B 126 5.95 -23.85 -0.59
CA VAL B 126 6.84 -23.14 0.33
C VAL B 126 8.25 -23.58 -0.05
N TYR B 127 9.14 -22.64 -0.33
CA TYR B 127 10.48 -23.00 -0.75
C TYR B 127 11.47 -22.35 0.20
N PRO B 128 12.41 -23.10 0.74
CA PRO B 128 13.45 -22.61 1.64
C PRO B 128 14.50 -21.78 0.91
N LEU B 129 14.94 -20.64 1.45
CA LEU B 129 15.93 -19.80 0.83
C LEU B 129 17.14 -19.77 1.75
N ALA B 130 18.18 -20.47 1.32
CA ALA B 130 19.42 -20.56 2.06
C ALA B 130 20.42 -19.70 1.30
N PRO B 131 21.45 -19.15 1.93
CA PRO B 131 22.54 -18.48 1.21
C PRO B 131 23.31 -19.53 0.40
N GLY B 132 23.63 -20.47 1.26
CA GLY B 132 24.38 -21.67 1.06
C GLY B 132 24.37 -22.17 2.49
N SER B 133 25.42 -22.28 3.10
N MET B 140 26.46 -12.38 10.34
CA MET B 140 25.15 -12.92 10.64
C MET B 140 24.61 -13.43 9.30
N VAL B 141 23.62 -14.29 9.32
CA VAL B 141 23.14 -14.92 8.11
C VAL B 141 21.65 -14.65 8.07
N THR B 142 21.15 -14.47 6.85
CA THR B 142 19.74 -14.26 6.58
C THR B 142 19.23 -15.46 5.78
N LEU B 143 18.17 -16.03 6.31
CA LEU B 143 17.52 -17.20 5.74
C LEU B 143 16.14 -16.72 5.32
N GLY B 144 15.49 -17.33 4.33
CA GLY B 144 14.17 -16.89 3.92
C GLY B 144 13.26 -18.06 3.62
N CYS B 145 11.99 -17.77 3.37
CA CYS B 145 11.04 -18.74 2.88
C CYS B 145 10.24 -17.98 1.84
N LEU B 146 10.07 -18.59 0.68
CA LEU B 146 9.21 -18.09 -0.38
C LEU B 146 7.88 -18.85 -0.32
N VAL B 147 6.73 -18.16 -0.28
CA VAL B 147 5.43 -18.76 -0.13
C VAL B 147 4.84 -18.33 -1.46
N LYS B 148 4.79 -19.26 -2.40
CA LYS B 148 4.45 -18.97 -3.75
C LYS B 148 3.11 -19.53 -4.20
N GLY B 149 2.33 -18.73 -4.95
CA GLY B 149 1.15 -19.23 -5.65
C GLY B 149 -0.04 -19.62 -4.80
N TYR B 150 -0.50 -18.81 -3.83
CA TYR B 150 -1.67 -19.19 -3.03
C TYR B 150 -2.80 -18.22 -3.32
N PHE B 151 -4.03 -18.65 -3.08
CA PHE B 151 -5.19 -17.79 -3.24
C PHE B 151 -6.17 -18.32 -2.22
N PRO B 152 -6.97 -17.53 -1.50
CA PRO B 152 -6.81 -16.09 -1.34
C PRO B 152 -5.86 -15.72 -0.21
N GLU B 153 -5.70 -14.44 0.03
CA GLU B 153 -4.95 -13.91 1.13
C GLU B 153 -5.71 -14.31 2.41
N PRO B 154 -5.15 -14.55 3.61
CA PRO B 154 -3.74 -14.38 3.97
C PRO B 154 -3.05 -15.68 4.24
N VAL B 155 -1.74 -15.60 4.46
CA VAL B 155 -0.96 -16.75 4.94
C VAL B 155 -0.34 -16.26 6.23
N THR B 156 -0.05 -17.07 7.24
CA THR B 156 0.70 -16.54 8.37
C THR B 156 2.05 -17.27 8.35
N VAL B 157 3.15 -16.58 8.68
CA VAL B 157 4.46 -17.18 8.70
C VAL B 157 5.01 -16.96 10.11
N THR B 158 5.53 -18.00 10.71
CA THR B 158 6.24 -17.91 11.97
C THR B 158 7.56 -18.63 11.76
N TRP B 159 8.51 -18.42 12.64
CA TRP B 159 9.78 -19.07 12.51
C TRP B 159 9.96 -19.78 13.84
N ASN B 160 10.27 -21.06 13.69
CA ASN B 160 10.48 -21.98 14.78
C ASN B 160 9.35 -21.88 15.76
N SER B 161 8.16 -22.04 15.21
CA SER B 161 6.92 -22.06 15.97
C SER B 161 6.69 -20.80 16.80
N GLY B 162 7.31 -19.70 16.39
CA GLY B 162 7.12 -18.44 17.09
C GLY B 162 8.31 -18.09 17.98
N SER B 163 9.17 -19.05 18.29
CA SER B 163 10.33 -18.79 19.11
C SER B 163 11.29 -17.80 18.49
N LEU B 164 11.39 -17.72 17.17
CA LEU B 164 12.30 -16.81 16.52
C LEU B 164 11.42 -15.64 16.12
N SER B 165 11.54 -14.54 16.81
CA SER B 165 10.66 -13.41 16.60
C SER B 165 11.41 -12.15 16.24
N SER B 166 12.66 -12.10 16.68
CA SER B 166 13.52 -10.97 16.45
C SER B 166 14.19 -11.18 15.12
N GLY B 167 14.36 -10.07 14.38
CA GLY B 167 15.01 -10.11 13.09
C GLY B 167 14.21 -10.82 12.01
N VAL B 168 12.90 -10.92 12.17
CA VAL B 168 12.00 -11.53 11.20
C VAL B 168 11.43 -10.41 10.32
N HIS B 169 11.28 -10.57 9.00
CA HIS B 169 10.61 -9.58 8.16
C HIS B 169 9.69 -10.35 7.27
N THR B 170 8.39 -10.15 7.27
CA THR B 170 7.52 -10.82 6.31
C THR B 170 7.07 -9.69 5.39
N PHE B 171 7.29 -9.85 4.10
CA PHE B 171 7.01 -8.78 3.15
C PHE B 171 5.59 -8.90 2.65
N PRO B 172 4.94 -7.81 2.22
CA PRO B 172 3.64 -7.88 1.56
C PRO B 172 3.63 -8.73 0.30
N ALA B 173 2.50 -9.40 0.12
CA ALA B 173 2.28 -10.25 -1.03
C ALA B 173 2.20 -9.47 -2.32
N VAL B 174 2.77 -9.99 -3.39
CA VAL B 174 2.55 -9.42 -4.71
C VAL B 174 1.62 -10.42 -5.41
N LEU B 175 0.99 -9.99 -6.50
CA LEU B 175 0.17 -10.87 -7.29
C LEU B 175 0.99 -11.28 -8.51
N GLN B 176 1.27 -12.55 -8.75
CA GLN B 176 2.01 -12.98 -9.92
C GLN B 176 1.01 -13.99 -10.46
N SER B 177 0.55 -13.66 -11.66
CA SER B 177 -0.53 -14.36 -12.35
C SER B 177 -1.76 -14.01 -11.52
N ASP B 178 -2.66 -14.93 -11.16
CA ASP B 178 -3.71 -14.53 -10.24
C ASP B 178 -3.51 -15.21 -8.91
N LEU B 179 -2.25 -15.39 -8.54
CA LEU B 179 -1.93 -15.99 -7.27
C LEU B 179 -0.91 -15.11 -6.56
N TYR B 180 -0.94 -15.11 -5.26
CA TYR B 180 -0.02 -14.31 -4.47
C TYR B 180 1.28 -15.04 -4.19
N THR B 181 2.30 -14.24 -3.97
CA THR B 181 3.60 -14.68 -3.56
C THR B 181 4.00 -13.70 -2.48
N LEU B 182 4.66 -14.20 -1.44
CA LEU B 182 5.13 -13.40 -0.33
C LEU B 182 6.41 -14.08 0.13
N SER B 183 7.33 -13.41 0.83
CA SER B 183 8.46 -14.10 1.42
C SER B 183 8.66 -13.54 2.82
N SER B 184 9.52 -14.19 3.61
CA SER B 184 9.78 -13.84 4.99
C SER B 184 11.24 -14.17 5.20
N SER B 185 11.98 -13.35 5.93
CA SER B 185 13.37 -13.62 6.21
C SER B 185 13.58 -13.53 7.71
N VAL B 186 14.59 -14.22 8.23
CA VAL B 186 14.97 -14.14 9.63
C VAL B 186 16.49 -13.99 9.57
N THR B 187 17.11 -13.11 10.34
CA THR B 187 18.57 -13.01 10.36
C THR B 187 19.07 -13.60 11.66
N VAL B 188 19.94 -14.60 11.69
CA VAL B 188 20.41 -15.12 12.96
C VAL B 188 21.93 -15.00 13.01
N PRO B 189 22.62 -15.08 14.18
CA PRO B 189 24.08 -15.04 14.27
C PRO B 189 24.62 -16.22 13.46
N SER B 190 25.75 -16.04 12.80
CA SER B 190 26.26 -17.08 11.91
C SER B 190 26.71 -18.34 12.63
N SER B 191 26.99 -18.25 13.92
CA SER B 191 27.37 -19.39 14.73
C SER B 191 26.17 -20.29 15.00
N THR B 192 25.01 -19.66 15.06
CA THR B 192 23.75 -20.30 15.31
C THR B 192 23.38 -21.29 14.23
N TRP B 193 23.78 -21.07 12.98
CA TRP B 193 23.26 -21.90 11.91
C TRP B 193 24.41 -22.53 11.15
N PRO B 194 24.41 -23.86 10.86
CA PRO B 194 23.31 -24.80 11.08
C PRO B 194 23.16 -25.49 12.42
N SER B 195 23.95 -25.20 13.47
CA SER B 195 23.81 -25.94 14.72
C SER B 195 22.38 -25.93 15.28
N GLU B 196 21.78 -24.74 15.33
CA GLU B 196 20.43 -24.49 15.76
C GLU B 196 19.57 -24.53 14.50
N THR B 197 18.62 -25.46 14.47
CA THR B 197 17.72 -25.61 13.34
C THR B 197 16.76 -24.43 13.26
N VAL B 198 16.60 -23.94 12.03
CA VAL B 198 15.67 -22.88 11.70
C VAL B 198 14.64 -23.47 10.73
N THR B 199 13.36 -23.35 11.06
CA THR B 199 12.23 -23.86 10.30
C THR B 199 11.21 -22.73 10.03
N CYS B 200 10.67 -22.44 8.83
CA CYS B 200 9.58 -21.48 8.77
C CYS B 200 8.30 -22.29 8.78
N ASN B 201 7.24 -21.77 9.39
CA ASN B 201 5.95 -22.43 9.50
C ASN B 201 4.94 -21.60 8.73
N VAL B 202 4.30 -22.15 7.71
CA VAL B 202 3.33 -21.41 6.91
C VAL B 202 1.94 -22.04 7.07
N ALA B 203 0.98 -21.19 7.36
CA ALA B 203 -0.40 -21.60 7.49
C ALA B 203 -1.18 -20.85 6.45
N HIS B 204 -2.03 -21.54 5.72
CA HIS B 204 -2.91 -20.89 4.78
C HIS B 204 -4.29 -21.37 5.21
N PRO B 205 -4.99 -20.69 6.11
CA PRO B 205 -6.28 -21.10 6.65
C PRO B 205 -7.36 -21.48 5.62
N ALA B 206 -7.55 -20.70 4.55
CA ALA B 206 -8.49 -20.98 3.46
C ALA B 206 -8.38 -22.34 2.83
N SER B 207 -7.27 -23.06 2.96
CA SER B 207 -7.20 -24.41 2.42
C SER B 207 -6.63 -25.32 3.52
N SER B 208 -6.79 -24.89 4.78
CA SER B 208 -6.19 -25.51 5.96
C SER B 208 -4.82 -26.16 5.73
N THR B 209 -3.95 -25.40 5.10
CA THR B 209 -2.59 -25.81 4.82
C THR B 209 -1.73 -25.40 5.99
N LYS B 210 -0.91 -26.28 6.51
CA LYS B 210 0.06 -25.92 7.52
C LYS B 210 1.31 -26.68 7.06
N VAL B 211 2.42 -26.01 6.76
CA VAL B 211 3.61 -26.67 6.25
C VAL B 211 4.83 -26.06 6.92
N ASP B 212 5.81 -26.90 7.24
CA ASP B 212 7.01 -26.45 7.89
C ASP B 212 8.16 -26.67 6.94
N LYS B 213 9.13 -25.76 6.87
CA LYS B 213 10.25 -25.93 5.98
C LYS B 213 11.54 -25.63 6.74
N LYS B 214 12.37 -26.67 6.99
CA LYS B 214 13.67 -26.51 7.62
C LYS B 214 14.59 -25.95 6.54
N ILE B 215 15.33 -24.91 6.89
CA ILE B 215 16.30 -24.29 6.00
C ILE B 215 17.55 -25.16 6.11
N VAL B 216 18.00 -25.76 5.02
CA VAL B 216 19.18 -26.61 5.04
C VAL B 216 20.26 -25.93 4.18
N PRO B 217 21.52 -25.88 4.60
CA PRO B 217 22.58 -25.22 3.84
C PRO B 217 22.80 -25.84 2.47
N ARG B 218 23.20 -25.03 1.51
CA ARG B 218 23.39 -25.48 0.16
C ARG B 218 24.87 -25.76 -0.05
#